data_4V1K
#
_entry.id   4V1K
#
_cell.length_a   104.051
_cell.length_b   104.051
_cell.length_c   104.051
_cell.angle_alpha   90.00
_cell.angle_beta   90.00
_cell.angle_gamma   90.00
#
_symmetry.space_group_name_H-M   'I 21 3'
#
loop_
_entity.id
_entity.type
_entity.pdbx_description
1 polymer 'CARBOHYDRATE BINDING MODULE'
2 non-polymer 'NONAETHYLENE GLYCOL'
3 non-polymer 'HEXAETHYLENE GLYCOL'
4 non-polymer 'CALCIUM ION'
5 non-polymer '2-HYDROXY BUTANE-1,4-DIOL'
6 water water
#
_entity_poly.entity_id   1
_entity_poly.type   'polypeptide(L)'
_entity_poly.pdbx_seq_one_letter_code
;(MSE)ASDGYTIKPNKKVTYSALGEDER(MSE)IGFSYKDFGISSSEKITEVQVNISANKNIGKYVGQFGTSTTDSANGY
WA(MSE)GDEITQSISGNSGTITWKVPSDISSIIQTQYGGEIKFGVWWIDCDEFTIDSVVLKLEHHHHHH
;
_entity_poly.pdbx_strand_id   A
#
# COMPACT_ATOMS: atom_id res chain seq x y z
N SER A 3 -16.43 9.66 -7.57
CA SER A 3 -15.69 9.54 -6.28
C SER A 3 -14.24 9.99 -6.48
N ASP A 4 -13.63 10.53 -5.42
CA ASP A 4 -12.23 10.92 -5.41
C ASP A 4 -11.32 10.06 -4.52
N GLY A 5 -11.91 9.11 -3.80
CA GLY A 5 -11.14 8.20 -3.00
C GLY A 5 -11.96 7.09 -2.39
N TYR A 6 -11.27 6.03 -2.04
CA TYR A 6 -11.86 4.85 -1.44
C TYR A 6 -10.97 4.42 -0.27
N THR A 7 -11.60 3.91 0.79
CA THR A 7 -10.88 3.45 1.95
C THR A 7 -11.33 2.04 2.36
N ILE A 8 -10.36 1.21 2.78
CA ILE A 8 -10.66 -0.02 3.52
C ILE A 8 -10.08 0.06 4.94
N LYS A 9 -10.72 -0.66 5.87
CA LYS A 9 -10.27 -0.72 7.27
CA LYS A 9 -10.29 -0.73 7.28
C LYS A 9 -9.98 -2.17 7.66
N PRO A 10 -8.73 -2.64 7.36
CA PRO A 10 -8.49 -4.09 7.57
C PRO A 10 -8.20 -4.50 9.01
N ASN A 11 -7.83 -3.54 9.86
CA ASN A 11 -7.46 -3.83 11.27
C ASN A 11 -6.52 -5.03 11.33
N LYS A 12 -5.47 -4.96 10.52
CA LYS A 12 -4.59 -6.12 10.35
C LYS A 12 -3.34 -5.98 11.19
N LYS A 13 -3.16 -6.89 12.14
CA LYS A 13 -1.95 -6.93 13.00
C LYS A 13 -0.78 -7.58 12.25
N VAL A 14 0.34 -6.88 12.25
CA VAL A 14 1.58 -7.35 11.62
C VAL A 14 2.71 -7.40 12.66
N THR A 15 3.43 -8.52 12.69
CA THR A 15 4.67 -8.64 13.49
C THR A 15 5.81 -8.80 12.47
N TYR A 16 6.59 -7.73 12.26
CA TYR A 16 7.61 -7.72 11.20
C TYR A 16 8.57 -8.91 11.29
N SER A 17 9.07 -9.16 12.50
CA SER A 17 10.08 -10.22 12.70
C SER A 17 9.51 -11.63 12.47
N ALA A 18 8.18 -11.76 12.45
CA ALA A 18 7.54 -13.04 12.13
C ALA A 18 7.39 -13.32 10.64
N LEU A 19 7.62 -12.30 9.81
CA LEU A 19 7.46 -12.49 8.38
C LEU A 19 8.68 -13.21 7.79
N GLY A 20 8.45 -14.28 7.04
CA GLY A 20 9.51 -14.90 6.24
C GLY A 20 9.90 -14.05 5.05
N GLU A 21 11.00 -14.43 4.41
CA GLU A 21 11.50 -13.74 3.21
C GLU A 21 10.42 -13.51 2.15
N ASP A 22 9.54 -14.50 1.99
CA ASP A 22 8.53 -14.47 0.94
C ASP A 22 7.20 -13.86 1.43
N GLU A 23 7.20 -13.31 2.65
CA GLU A 23 5.99 -12.82 3.29
C GLU A 23 6.04 -11.33 3.55
N ARG A 24 7.09 -10.62 3.09
CA ARG A 24 7.27 -9.22 3.51
C ARG A 24 6.42 -8.21 2.71
N ILE A 26 2.45 -7.32 2.02
CA ILE A 26 1.08 -7.60 2.46
CA ILE A 26 1.08 -7.50 2.53
C ILE A 26 0.11 -7.08 1.42
N GLY A 27 -0.73 -8.02 0.91
CA GLY A 27 -1.63 -7.74 -0.19
C GLY A 27 -3.05 -7.39 0.18
N PHE A 28 -3.65 -6.48 -0.61
CA PHE A 28 -5.07 -6.13 -0.53
C PHE A 28 -5.68 -6.13 -1.92
N SER A 29 -6.76 -6.90 -2.08
CA SER A 29 -7.43 -6.99 -3.36
C SER A 29 -8.15 -5.68 -3.70
N TYR A 30 -7.96 -5.18 -4.93
CA TYR A 30 -8.65 -3.95 -5.33
C TYR A 30 -10.19 -4.08 -5.23
N LYS A 31 -10.72 -5.27 -5.45
CA LYS A 31 -12.16 -5.44 -5.36
C LYS A 31 -12.72 -5.09 -3.96
N ASP A 32 -11.87 -5.15 -2.91
CA ASP A 32 -12.30 -4.81 -1.57
C ASP A 32 -12.62 -3.31 -1.42
N PHE A 33 -12.04 -2.49 -2.31
CA PHE A 33 -12.27 -1.04 -2.27
C PHE A 33 -13.54 -0.60 -3.01
N GLY A 34 -13.94 -1.34 -4.04
CA GLY A 34 -15.10 -0.97 -4.86
C GLY A 34 -14.79 -0.02 -6.00
N ILE A 35 -13.50 0.11 -6.33
CA ILE A 35 -12.99 0.95 -7.41
C ILE A 35 -13.43 0.48 -8.79
N SER A 36 -13.79 1.44 -9.65
CA SER A 36 -14.12 1.17 -11.06
C SER A 36 -12.85 1.20 -11.92
N SER A 37 -12.86 0.46 -13.01
CA SER A 37 -11.73 0.45 -13.93
C SER A 37 -11.61 1.77 -14.71
N SER A 38 -12.62 2.65 -14.64
CA SER A 38 -12.51 4.00 -15.25
C SER A 38 -11.64 4.96 -14.46
N GLU A 39 -11.34 4.60 -13.21
CA GLU A 39 -10.68 5.51 -12.27
C GLU A 39 -9.13 5.34 -12.27
N LYS A 40 -8.39 6.45 -12.14
CA LYS A 40 -6.91 6.48 -12.12
CA LYS A 40 -6.93 6.39 -12.08
C LYS A 40 -6.40 6.76 -10.70
N ILE A 41 -5.59 5.88 -10.14
CA ILE A 41 -5.07 6.02 -8.78
C ILE A 41 -3.82 6.91 -8.85
N THR A 42 -3.82 7.98 -8.04
CA THR A 42 -2.71 8.92 -7.97
CA THR A 42 -2.69 8.90 -7.99
C THR A 42 -1.86 8.75 -6.72
N GLU A 43 -2.46 8.24 -5.65
CA GLU A 43 -1.72 8.08 -4.40
C GLU A 43 -2.31 6.90 -3.62
N VAL A 44 -1.46 6.20 -2.88
CA VAL A 44 -1.87 5.19 -1.90
C VAL A 44 -1.34 5.59 -0.52
N GLN A 45 -2.20 5.57 0.48
CA GLN A 45 -1.81 5.86 1.86
C GLN A 45 -2.14 4.68 2.76
N VAL A 46 -1.17 4.30 3.59
CA VAL A 46 -1.33 3.22 4.57
C VAL A 46 -1.20 3.87 5.96
N ASN A 47 -2.28 3.80 6.74
CA ASN A 47 -2.34 4.37 8.09
C ASN A 47 -2.06 3.28 9.10
N ILE A 48 -1.03 3.49 9.90
CA ILE A 48 -0.62 2.47 10.87
C ILE A 48 -0.55 3.01 12.28
N SER A 49 -0.66 2.11 13.25
CA SER A 49 -0.55 2.46 14.66
C SER A 49 0.11 1.35 15.46
N ALA A 50 0.58 1.70 16.65
CA ALA A 50 1.31 0.78 17.48
C ALA A 50 1.11 1.19 18.94
N ASN A 51 1.65 0.38 19.86
CA ASN A 51 1.57 0.65 21.27
CA ASN A 51 1.55 0.67 21.28
C ASN A 51 2.75 1.45 21.82
N LYS A 52 3.66 1.85 20.91
CA LYS A 52 4.83 2.62 21.28
C LYS A 52 5.21 3.44 20.04
N ASN A 53 6.19 4.32 20.19
CA ASN A 53 6.62 5.14 19.05
C ASN A 53 7.14 4.25 17.91
N ILE A 54 6.71 4.55 16.70
CA ILE A 54 6.96 3.66 15.57
C ILE A 54 8.37 3.75 15.03
N GLY A 55 8.90 4.95 14.87
CA GLY A 55 10.20 5.14 14.26
C GLY A 55 10.21 4.97 12.76
N LYS A 56 11.31 4.45 12.22
CA LYS A 56 11.47 4.36 10.78
C LYS A 56 10.87 3.10 10.16
N TYR A 57 10.20 3.34 9.05
CA TYR A 57 9.76 2.34 8.07
C TYR A 57 10.62 2.47 6.82
N VAL A 58 11.00 1.33 6.24
CA VAL A 58 11.62 1.29 4.93
C VAL A 58 10.88 0.22 4.14
N GLY A 59 10.44 0.55 2.93
CA GLY A 59 9.73 -0.42 2.10
C GLY A 59 9.38 0.11 0.73
N GLN A 60 8.52 -0.60 0.03
CA GLN A 60 8.14 -0.30 -1.36
C GLN A 60 6.76 -0.84 -1.58
N PHE A 61 6.04 -0.22 -2.51
CA PHE A 61 4.74 -0.72 -2.97
C PHE A 61 4.87 -1.43 -4.32
N GLY A 62 4.01 -2.45 -4.50
CA GLY A 62 3.84 -3.09 -5.80
C GLY A 62 2.37 -3.20 -6.16
N THR A 63 2.11 -3.42 -7.44
CA THR A 63 0.74 -3.57 -7.93
C THR A 63 0.64 -4.51 -9.11
N SER A 64 -0.49 -5.22 -9.17
CA SER A 64 -0.89 -5.88 -10.41
C SER A 64 -1.05 -4.82 -11.53
N THR A 65 -0.66 -5.19 -12.76
CA THR A 65 -0.85 -4.36 -13.93
C THR A 65 -1.41 -5.17 -15.08
N THR A 66 -1.80 -4.47 -16.14
CA THR A 66 -2.27 -5.11 -17.38
C THR A 66 -1.12 -5.35 -18.38
N ASP A 67 0.13 -5.05 -17.99
CA ASP A 67 1.21 -5.20 -19.01
CA ASP A 67 1.36 -5.02 -18.84
C ASP A 67 1.98 -6.47 -18.90
N SER A 68 1.57 -7.34 -19.81
CA SER A 68 2.20 -8.66 -19.89
C SER A 68 3.73 -8.64 -20.15
N ALA A 69 4.23 -7.66 -20.89
CA ALA A 69 5.68 -7.60 -21.17
C ALA A 69 6.51 -7.43 -19.93
N ASN A 70 5.93 -6.83 -18.89
CA ASN A 70 6.64 -6.65 -17.65
C ASN A 70 5.99 -7.53 -16.61
N GLY A 71 5.40 -8.66 -17.02
CA GLY A 71 5.00 -9.66 -16.05
C GLY A 71 3.81 -9.35 -15.18
N TYR A 72 2.98 -8.43 -15.64
CA TYR A 72 1.73 -8.06 -14.97
C TYR A 72 1.98 -7.48 -13.57
N TRP A 73 3.12 -6.83 -13.41
CA TRP A 73 3.58 -6.37 -12.09
C TRP A 73 4.44 -5.13 -12.24
N ALA A 74 4.26 -4.17 -11.32
CA ALA A 74 5.13 -2.99 -11.26
C ALA A 74 5.34 -2.61 -9.80
N GLY A 76 6.90 0.69 -7.17
CA GLY A 76 7.39 2.03 -6.97
C GLY A 76 8.79 2.08 -6.36
N ASP A 77 9.28 3.31 -6.19
CA ASP A 77 10.62 3.52 -5.59
C ASP A 77 10.62 3.16 -4.09
N GLU A 78 11.79 2.88 -3.54
CA GLU A 78 11.92 2.70 -2.10
C GLU A 78 11.51 3.97 -1.33
N ILE A 79 10.81 3.76 -0.23
CA ILE A 79 10.35 4.82 0.68
C ILE A 79 10.99 4.63 2.06
N THR A 80 11.53 5.72 2.63
CA THR A 80 11.92 5.76 4.03
C THR A 80 11.06 6.85 4.69
N GLN A 81 10.38 6.51 5.79
CA GLN A 81 9.49 7.42 6.52
C GLN A 81 9.74 7.21 8.01
N SER A 82 9.89 8.29 8.76
CA SER A 82 10.01 8.20 10.21
C SER A 82 8.72 8.73 10.82
N ILE A 83 8.15 7.94 11.74
CA ILE A 83 6.92 8.27 12.44
C ILE A 83 7.27 8.49 13.92
N SER A 84 7.07 9.72 14.40
CA SER A 84 7.60 10.05 15.72
C SER A 84 6.74 9.54 16.88
N GLY A 85 5.44 9.40 16.66
CA GLY A 85 4.51 8.93 17.72
C GLY A 85 3.99 7.54 17.47
N ASN A 86 2.83 7.24 18.09
CA ASN A 86 2.23 5.89 18.07
C ASN A 86 1.36 5.62 16.81
N SER A 87 1.23 6.60 15.93
CA SER A 87 0.45 6.43 14.71
C SER A 87 0.95 7.36 13.62
N GLY A 88 0.86 6.89 12.38
CA GLY A 88 1.24 7.74 11.26
C GLY A 88 0.80 7.13 9.94
N THR A 89 1.30 7.74 8.86
CA THR A 89 0.87 7.44 7.50
C THR A 89 2.06 7.27 6.56
N ILE A 90 2.04 6.20 5.78
CA ILE A 90 3.02 5.98 4.73
CA ILE A 90 3.02 5.94 4.74
C ILE A 90 2.32 6.24 3.40
N THR A 91 2.91 7.13 2.63
CA THR A 91 2.33 7.61 1.36
C THR A 91 3.20 7.19 0.16
N TRP A 92 2.53 6.60 -0.85
CA TRP A 92 3.12 6.38 -2.18
C TRP A 92 2.43 7.24 -3.24
N LYS A 93 3.18 8.15 -3.85
CA LYS A 93 2.72 8.94 -4.99
C LYS A 93 2.96 8.09 -6.23
N VAL A 94 1.87 7.64 -6.86
CA VAL A 94 1.95 6.67 -7.93
C VAL A 94 2.42 7.34 -9.22
N PRO A 95 3.51 6.85 -9.85
CA PRO A 95 3.91 7.44 -11.12
C PRO A 95 2.86 7.25 -12.23
N SER A 96 2.78 8.23 -13.13
CA SER A 96 1.83 8.19 -14.24
C SER A 96 1.93 6.91 -15.07
N ASP A 97 3.15 6.44 -15.31
CA ASP A 97 3.36 5.23 -16.12
C ASP A 97 2.90 3.95 -15.42
N ILE A 98 2.80 3.93 -14.12
CA ILE A 98 2.15 2.81 -13.42
C ILE A 98 0.63 3.00 -13.30
N SER A 99 0.19 4.21 -12.93
CA SER A 99 -1.25 4.44 -12.73
CA SER A 99 -1.24 4.52 -12.76
C SER A 99 -2.05 4.11 -14.00
N SER A 100 -1.46 4.34 -15.18
CA SER A 100 -2.20 4.09 -16.41
C SER A 100 -2.45 2.60 -16.71
N ILE A 101 -1.72 1.69 -16.04
CA ILE A 101 -1.83 0.25 -16.31
C ILE A 101 -2.15 -0.58 -15.07
N ILE A 102 -2.50 0.05 -13.95
CA ILE A 102 -2.96 -0.74 -12.79
C ILE A 102 -4.15 -1.65 -13.18
N GLN A 103 -4.07 -2.91 -12.70
CA GLN A 103 -5.13 -3.87 -12.95
C GLN A 103 -5.96 -4.02 -11.67
N THR A 104 -7.14 -3.40 -11.66
CA THR A 104 -8.06 -3.54 -10.53
C THR A 104 -9.02 -4.73 -10.63
N GLN A 105 -9.07 -5.35 -11.79
CA GLN A 105 -9.99 -6.45 -12.07
C GLN A 105 -9.31 -7.82 -11.93
N TYR A 106 -10.13 -8.87 -11.93
CA TYR A 106 -9.65 -10.27 -12.05
C TYR A 106 -8.69 -10.67 -10.91
N GLY A 107 -8.93 -10.09 -9.73
CA GLY A 107 -8.17 -10.39 -8.52
C GLY A 107 -6.91 -9.52 -8.32
N GLY A 108 -6.73 -8.47 -9.15
CA GLY A 108 -5.59 -7.58 -8.97
C GLY A 108 -5.47 -7.07 -7.54
N GLU A 109 -4.22 -6.84 -7.12
CA GLU A 109 -3.89 -6.41 -5.76
C GLU A 109 -2.92 -5.21 -5.73
N ILE A 110 -3.03 -4.44 -4.63
CA ILE A 110 -2.01 -3.53 -4.18
C ILE A 110 -1.25 -4.23 -3.06
N LYS A 111 0.08 -4.14 -3.09
CA LYS A 111 0.97 -4.82 -2.12
C LYS A 111 1.85 -3.79 -1.37
N PHE A 112 1.82 -3.89 -0.04
CA PHE A 112 2.55 -3.00 0.89
C PHE A 112 3.74 -3.78 1.41
N GLY A 113 4.92 -3.43 0.91
CA GLY A 113 6.15 -4.10 1.27
C GLY A 113 6.79 -3.45 2.50
N VAL A 114 7.15 -4.27 3.48
CA VAL A 114 7.83 -3.81 4.69
C VAL A 114 9.23 -4.43 4.74
N TRP A 115 10.23 -3.67 4.34
CA TRP A 115 11.61 -4.19 4.39
C TRP A 115 12.23 -4.07 5.79
N TRP A 116 11.78 -3.07 6.54
CA TRP A 116 12.20 -2.85 7.94
C TRP A 116 11.21 -1.95 8.61
N ILE A 117 10.96 -2.17 9.89
CA ILE A 117 10.26 -1.18 10.68
C ILE A 117 10.84 -1.26 12.10
N ASP A 118 11.10 -0.11 12.73
CA ASP A 118 11.78 -0.09 14.03
C ASP A 118 10.89 -0.73 15.10
N CYS A 119 9.63 -0.32 15.19
CA CYS A 119 8.68 -0.94 16.12
CA CYS A 119 8.68 -0.95 16.12
C CYS A 119 8.18 -2.25 15.48
N ASP A 120 8.37 -3.36 16.12
CA ASP A 120 8.15 -4.66 15.42
C ASP A 120 6.69 -5.01 15.14
N GLU A 121 5.84 -4.62 16.07
CA GLU A 121 4.43 -4.94 16.06
C GLU A 121 3.62 -3.69 15.78
N PHE A 122 2.80 -3.77 14.74
CA PHE A 122 1.93 -2.63 14.39
C PHE A 122 0.65 -3.13 13.74
N THR A 123 -0.33 -2.24 13.67
CA THR A 123 -1.61 -2.52 13.00
C THR A 123 -1.81 -1.62 11.79
N ILE A 124 -2.22 -2.24 10.68
CA ILE A 124 -2.69 -1.50 9.50
C ILE A 124 -4.16 -1.15 9.75
N ASP A 125 -4.37 0.11 10.11
CA ASP A 125 -5.72 0.57 10.43
C ASP A 125 -6.57 0.86 9.21
N SER A 126 -5.96 1.48 8.20
CA SER A 126 -6.65 1.72 6.95
C SER A 126 -5.70 1.81 5.75
N VAL A 127 -6.24 1.56 4.56
CA VAL A 127 -5.56 1.77 3.29
C VAL A 127 -6.49 2.65 2.46
N VAL A 128 -5.93 3.73 1.89
CA VAL A 128 -6.66 4.76 1.15
C VAL A 128 -6.13 4.89 -0.26
N LEU A 129 -7.03 4.84 -1.24
CA LEU A 129 -6.71 5.15 -2.63
C LEU A 129 -7.23 6.55 -2.94
N LYS A 130 -6.35 7.42 -3.40
CA LYS A 130 -6.76 8.75 -3.92
C LYS A 130 -6.75 8.70 -5.45
N LEU A 131 -7.75 9.31 -6.08
CA LEU A 131 -7.94 9.24 -7.52
C LEU A 131 -7.75 10.58 -8.21
N GLU A 132 -7.52 10.48 -9.52
N GLU A 132 -7.33 10.53 -9.48
CA GLU A 132 -7.29 11.58 -10.43
CA GLU A 132 -7.36 11.69 -10.38
C GLU A 132 -8.63 11.88 -11.06
C GLU A 132 -8.75 11.60 -10.92
N HIS A 133 -8.82 11.22 -12.20
CA HIS A 133 -10.08 10.92 -12.94
C HIS A 133 -9.81 10.94 -14.45
#